data_3POI
#
_entry.id   3POI
#
_cell.length_a   100.570
_cell.length_b   100.570
_cell.length_c   100.570
_cell.angle_alpha   90.00
_cell.angle_beta   90.00
_cell.angle_gamma   90.00
#
_symmetry.space_group_name_H-M   'P 21 3'
#
loop_
_entity.id
_entity.type
_entity.pdbx_description
1 polymer 'Mannan-binding lectin serine protease 1'
2 non-polymer 'CALCIUM ION'
3 non-polymer METHYLAMINE
4 non-polymer 'SULFATE ION'
5 non-polymer 2-AMINO-2-HYDROXYMETHYL-PROPANE-1,3-DIOL
6 water water
#
_entity_poly.entity_id   1
_entity_poly.type   'polypeptide(L)'
_entity_poly.pdbx_seq_one_letter_code
;MVECSGNLFTQRTGTITSPDYPNPYPKSSECSYTIDLEEGFMVTLQFEDIFDIEDHPEVPCPYDYIKIKAGSKVWGPFCG
EKSPEPISTQSHSIQILFRSDNSGENRGWRLSYRA
;
_entity_poly.pdbx_strand_id   A,B
#
# COMPACT_ATOMS: atom_id res chain seq x y z
N GLU A 3 -8.02 -4.99 -8.90
CA GLU A 3 -8.54 -4.50 -7.59
C GLU A 3 -8.31 -5.69 -6.65
N CYS A 4 -7.57 -5.51 -5.60
CA CYS A 4 -7.29 -6.66 -4.58
C CYS A 4 -6.93 -6.00 -3.19
N SER A 5 -7.45 -4.81 -3.00
CA SER A 5 -7.21 -4.09 -1.76
CA SER A 5 -7.21 -4.08 -1.76
C SER A 5 -8.36 -4.29 -0.78
N GLY A 6 -8.08 -4.16 0.49
CA GLY A 6 -9.13 -4.17 1.46
C GLY A 6 -9.68 -5.52 1.91
N ASN A 7 -8.94 -6.58 1.70
CA ASN A 7 -9.38 -7.94 2.16
C ASN A 7 -9.31 -7.94 3.71
N LEU A 8 -10.29 -8.57 4.38
CA LEU A 8 -10.36 -8.54 5.84
C LEU A 8 -10.68 -9.95 6.23
N PHE A 9 -9.84 -10.53 7.06
CA PHE A 9 -10.06 -11.88 7.53
C PHE A 9 -10.16 -11.90 9.04
N THR A 10 -11.23 -12.54 9.55
CA THR A 10 -11.46 -12.65 10.98
C THR A 10 -11.44 -14.11 11.41
N GLN A 11 -11.22 -15.03 10.48
CA GLN A 11 -11.04 -16.41 10.77
C GLN A 11 -9.56 -16.63 11.24
N ARG A 12 -9.33 -17.53 12.19
CA ARG A 12 -8.05 -17.82 12.79
CA ARG A 12 -8.03 -17.77 12.81
C ARG A 12 -7.04 -18.53 11.92
N THR A 13 -7.52 -19.09 10.82
CA THR A 13 -6.69 -19.87 9.84
C THR A 13 -7.04 -19.46 8.46
N GLY A 14 -6.04 -19.52 7.57
CA GLY A 14 -6.30 -19.22 6.20
C GLY A 14 -5.05 -19.36 5.36
N THR A 15 -5.26 -19.28 4.03
CA THR A 15 -4.17 -19.23 3.05
C THR A 15 -4.46 -18.03 2.20
N ILE A 16 -3.44 -17.23 1.94
CA ILE A 16 -3.55 -16.01 1.14
C ILE A 16 -2.51 -16.11 0.04
N THR A 17 -2.88 -15.72 -1.17
CA THR A 17 -1.96 -15.70 -2.27
C THR A 17 -2.04 -14.41 -3.02
N SER A 18 -0.96 -14.13 -3.74
CA SER A 18 -0.98 -13.04 -4.69
C SER A 18 -2.06 -13.32 -5.78
N PRO A 19 -2.63 -12.27 -6.40
CA PRO A 19 -3.59 -12.52 -7.46
C PRO A 19 -3.05 -13.42 -8.56
N ASP A 20 -3.85 -14.45 -8.89
CA ASP A 20 -3.53 -15.40 -10.00
C ASP A 20 -2.45 -16.43 -9.68
N TYR A 21 -1.92 -16.41 -8.49
CA TYR A 21 -0.91 -17.40 -8.10
C TYR A 21 -1.36 -18.81 -8.45
N PRO A 22 -0.42 -19.63 -8.98
CA PRO A 22 1.00 -19.44 -9.25
C PRO A 22 1.34 -18.97 -10.64
N ASN A 23 0.34 -18.43 -11.34
CA ASN A 23 0.57 -17.71 -12.58
C ASN A 23 0.86 -16.25 -12.27
N PRO A 24 1.47 -15.54 -13.21
CA PRO A 24 2.02 -14.26 -12.87
C PRO A 24 1.00 -13.30 -12.34
N TYR A 25 1.41 -12.58 -11.31
CA TYR A 25 0.52 -11.51 -10.75
C TYR A 25 0.41 -10.34 -11.71
N PRO A 26 -0.69 -9.58 -11.61
CA PRO A 26 -0.93 -8.47 -12.53
C PRO A 26 0.09 -7.36 -12.35
N LYS A 27 0.29 -6.64 -13.44
CA LYS A 27 1.03 -5.38 -13.32
C LYS A 27 0.29 -4.36 -12.49
N SER A 28 1.02 -3.49 -11.83
CA SER A 28 0.44 -2.36 -11.09
C SER A 28 -0.54 -2.81 -10.00
N SER A 29 -0.21 -3.92 -9.35
CA SER A 29 -1.05 -4.42 -8.26
C SER A 29 -0.84 -3.61 -7.00
N GLU A 30 -1.94 -3.36 -6.28
CA GLU A 30 -1.86 -2.87 -4.90
C GLU A 30 -2.83 -3.70 -4.09
N CYS A 31 -2.31 -4.72 -3.43
CA CYS A 31 -3.14 -5.61 -2.66
C CYS A 31 -2.97 -5.35 -1.21
N SER A 32 -4.00 -5.63 -0.43
CA SER A 32 -3.85 -5.52 1.03
C SER A 32 -4.79 -6.53 1.65
N TYR A 33 -4.31 -7.12 2.73
CA TYR A 33 -5.03 -8.13 3.47
C TYR A 33 -4.78 -7.84 4.96
N THR A 34 -5.88 -7.74 5.72
CA THR A 34 -5.80 -7.48 7.13
C THR A 34 -6.37 -8.67 7.85
N ILE A 35 -5.63 -9.21 8.79
CA ILE A 35 -6.12 -10.28 9.70
C ILE A 35 -6.43 -9.62 10.99
N ASP A 36 -7.68 -9.69 11.42
CA ASP A 36 -8.20 -8.93 12.58
C ASP A 36 -8.80 -9.93 13.52
N LEU A 37 -8.02 -10.31 14.51
CA LEU A 37 -8.47 -11.29 15.55
C LEU A 37 -8.65 -10.62 16.92
N GLU A 38 -9.32 -11.31 17.88
CA GLU A 38 -9.49 -10.74 19.21
CA GLU A 38 -9.46 -10.76 19.26
C GLU A 38 -8.11 -10.64 19.93
N GLU A 39 -7.91 -9.60 20.76
CA GLU A 39 -6.66 -9.43 21.42
C GLU A 39 -6.39 -10.66 22.29
N GLY A 40 -5.10 -11.06 22.33
CA GLY A 40 -4.73 -12.35 22.95
C GLY A 40 -4.27 -13.40 21.95
N PHE A 41 -4.94 -13.45 20.79
CA PHE A 41 -4.47 -14.30 19.72
C PHE A 41 -3.16 -13.74 19.17
N MET A 42 -2.29 -14.66 18.74
CA MET A 42 -1.02 -14.30 18.18
C MET A 42 -0.85 -15.03 16.85
N VAL A 43 -0.87 -14.26 15.75
CA VAL A 43 -0.77 -14.85 14.41
C VAL A 43 0.66 -15.34 14.09
N THR A 44 0.77 -16.59 13.55
CA THR A 44 2.01 -17.05 12.95
C THR A 44 1.77 -17.22 11.46
N LEU A 45 2.76 -16.84 10.65
CA LEU A 45 2.60 -16.82 9.19
C LEU A 45 3.76 -17.65 8.58
N GLN A 46 3.49 -18.41 7.54
CA GLN A 46 4.60 -19.07 6.79
C GLN A 46 4.34 -18.98 5.30
N PHE A 47 5.37 -18.66 4.53
CA PHE A 47 5.28 -18.76 3.08
C PHE A 47 5.42 -20.23 2.67
N GLU A 48 4.74 -20.56 1.59
CA GLU A 48 4.59 -21.92 1.14
C GLU A 48 4.89 -21.96 -0.34
N ASP A 49 5.42 -23.09 -0.79
CA ASP A 49 5.57 -23.38 -2.20
CA ASP A 49 5.55 -23.38 -2.24
C ASP A 49 6.44 -22.33 -2.90
N ILE A 50 6.23 -22.09 -4.19
CA ILE A 50 7.04 -21.14 -4.93
C ILE A 50 6.83 -19.72 -4.40
N PHE A 51 7.95 -19.05 -4.19
CA PHE A 51 7.98 -17.62 -3.87
C PHE A 51 8.81 -17.00 -4.96
N ASP A 52 8.23 -16.07 -5.70
CA ASP A 52 8.91 -15.46 -6.87
C ASP A 52 8.36 -14.06 -7.08
N ILE A 53 9.13 -13.06 -6.61
CA ILE A 53 8.76 -11.67 -6.77
C ILE A 53 9.93 -10.99 -7.50
N GLU A 54 9.67 -10.15 -8.48
CA GLU A 54 10.77 -9.48 -9.20
C GLU A 54 11.71 -8.77 -8.28
N ASP A 55 12.99 -8.89 -8.57
CA ASP A 55 14.04 -8.23 -7.78
C ASP A 55 15.04 -7.47 -8.68
N HIS A 56 16.06 -6.94 -8.05
CA HIS A 56 17.13 -6.17 -8.73
C HIS A 56 18.44 -6.60 -8.11
N PRO A 57 19.51 -6.59 -8.90
CA PRO A 57 20.76 -7.15 -8.45
C PRO A 57 21.52 -6.25 -7.47
N GLU A 58 21.19 -4.96 -7.41
CA GLU A 58 21.91 -3.97 -6.62
CA GLU A 58 21.91 -4.06 -6.50
C GLU A 58 21.02 -3.20 -5.61
N VAL A 59 19.76 -3.01 -5.94
CA VAL A 59 18.91 -2.15 -5.10
C VAL A 59 17.88 -3.13 -4.44
N PRO A 60 17.57 -2.98 -3.15
CA PRO A 60 16.67 -3.97 -2.50
C PRO A 60 15.17 -3.72 -2.80
N CYS A 61 14.54 -4.64 -3.50
CA CYS A 61 13.12 -4.63 -3.83
C CYS A 61 12.58 -3.32 -4.35
N PRO A 62 13.12 -2.84 -5.46
CA PRO A 62 12.60 -1.57 -5.99
C PRO A 62 11.37 -1.62 -6.90
N TYR A 63 10.95 -2.81 -7.29
CA TYR A 63 9.90 -2.97 -8.26
C TYR A 63 8.61 -3.48 -7.63
N ASP A 64 8.70 -4.69 -7.10
CA ASP A 64 7.57 -5.41 -6.52
C ASP A 64 8.00 -5.95 -5.15
N TYR A 65 7.08 -6.06 -4.21
CA TYR A 65 7.38 -6.64 -2.89
C TYR A 65 6.15 -6.85 -2.06
N ILE A 66 6.32 -7.79 -1.12
CA ILE A 66 5.39 -7.97 -0.03
C ILE A 66 6.00 -7.38 1.24
N LYS A 67 5.17 -6.74 2.05
CA LYS A 67 5.56 -6.19 3.36
C LYS A 67 4.48 -6.63 4.35
N ILE A 68 4.87 -6.89 5.60
CA ILE A 68 3.95 -7.31 6.67
C ILE A 68 4.13 -6.35 7.83
N LYS A 69 3.05 -5.85 8.40
CA LYS A 69 3.13 -4.95 9.55
C LYS A 69 2.25 -5.48 10.68
N ALA A 70 2.71 -5.38 11.90
CA ALA A 70 1.86 -5.71 13.09
C ALA A 70 2.33 -4.79 14.17
N GLY A 71 1.43 -3.98 14.63
CA GLY A 71 1.82 -2.92 15.64
C GLY A 71 2.90 -2.04 15.01
N SER A 72 4.00 -1.90 15.72
CA SER A 72 5.13 -1.10 15.29
C SER A 72 6.13 -1.93 14.49
N LYS A 73 5.90 -3.24 14.34
CA LYS A 73 6.89 -4.12 13.76
C LYS A 73 6.59 -4.26 12.25
N VAL A 74 7.64 -4.34 11.46
CA VAL A 74 7.57 -4.48 10.06
C VAL A 74 8.53 -5.61 9.63
N TRP A 75 8.04 -6.49 8.77
CA TRP A 75 8.84 -7.52 8.14
C TRP A 75 8.80 -7.26 6.65
N GLY A 76 9.96 -7.34 6.05
CA GLY A 76 10.16 -7.01 4.66
C GLY A 76 10.45 -5.53 4.47
N PRO A 77 10.36 -5.03 3.24
CA PRO A 77 9.88 -5.75 2.08
C PRO A 77 10.67 -6.96 1.67
N PHE A 78 9.96 -7.94 1.09
CA PHE A 78 10.56 -9.17 0.62
C PHE A 78 10.34 -9.25 -0.89
N CYS A 79 11.35 -9.73 -1.60
CA CYS A 79 11.27 -9.99 -3.04
C CYS A 79 12.29 -11.07 -3.41
N GLY A 80 12.38 -11.35 -4.70
CA GLY A 80 13.27 -12.37 -5.19
C GLY A 80 12.65 -13.78 -5.13
N GLU A 81 13.51 -14.78 -5.20
CA GLU A 81 13.07 -16.17 -5.24
C GLU A 81 13.17 -16.89 -3.89
N LYS A 82 13.86 -16.32 -2.90
CA LYS A 82 13.96 -16.96 -1.58
C LYS A 82 12.72 -16.80 -0.75
N SER A 83 12.23 -17.89 -0.24
CA SER A 83 11.03 -17.87 0.63
C SER A 83 11.40 -17.22 1.98
N PRO A 84 10.67 -16.17 2.40
CA PRO A 84 11.00 -15.57 3.72
C PRO A 84 10.82 -16.59 4.80
N GLU A 85 11.55 -16.41 5.88
CA GLU A 85 11.39 -17.26 7.09
C GLU A 85 10.04 -17.07 7.72
N PRO A 86 9.59 -18.03 8.49
CA PRO A 86 8.30 -17.96 9.16
C PRO A 86 8.30 -16.78 10.17
N ILE A 87 7.14 -16.21 10.34
CA ILE A 87 6.96 -15.01 11.18
C ILE A 87 6.01 -15.30 12.30
N SER A 88 6.47 -15.09 13.54
CA SER A 88 5.61 -15.16 14.73
C SER A 88 5.39 -13.72 15.11
N THR A 89 4.22 -13.21 14.76
CA THR A 89 3.96 -11.77 14.82
C THR A 89 3.78 -11.28 16.23
N GLN A 90 3.37 -12.19 17.13
CA GLN A 90 3.02 -11.78 18.51
CA GLN A 90 3.00 -11.80 18.51
C GLN A 90 1.83 -10.80 18.57
N SER A 91 0.95 -10.83 17.56
CA SER A 91 -0.11 -9.83 17.45
C SER A 91 -1.41 -10.44 16.93
N HIS A 92 -2.51 -9.73 17.20
CA HIS A 92 -3.82 -10.17 16.77
C HIS A 92 -4.26 -9.38 15.55
N SER A 93 -3.47 -8.40 15.10
CA SER A 93 -3.90 -7.47 14.02
C SER A 93 -2.70 -7.29 13.08
N ILE A 94 -2.78 -7.89 11.90
CA ILE A 94 -1.68 -7.96 10.93
C ILE A 94 -2.13 -7.35 9.62
N GLN A 95 -1.26 -6.59 8.96
CA GLN A 95 -1.53 -6.06 7.66
C GLN A 95 -0.48 -6.62 6.70
N ILE A 96 -0.95 -7.19 5.62
CA ILE A 96 -0.07 -7.78 4.57
C ILE A 96 -0.32 -6.92 3.33
N LEU A 97 0.75 -6.36 2.82
CA LEU A 97 0.72 -5.43 1.67
C LEU A 97 1.54 -6.03 0.53
N PHE A 98 1.01 -5.93 -0.69
CA PHE A 98 1.76 -6.36 -1.86
C PHE A 98 1.59 -5.31 -2.94
N ARG A 99 2.72 -4.92 -3.55
CA ARG A 99 2.68 -3.99 -4.69
C ARG A 99 3.50 -4.56 -5.82
N SER A 100 3.08 -4.21 -7.03
CA SER A 100 3.88 -4.52 -8.22
C SER A 100 3.90 -3.33 -9.14
N ASP A 101 4.98 -3.27 -9.92
CA ASP A 101 5.17 -2.25 -10.95
C ASP A 101 4.63 -2.69 -12.27
N ASN A 102 4.94 -1.93 -13.33
CA ASN A 102 4.19 -2.10 -14.58
CA ASN A 102 4.21 -2.10 -14.58
C ASN A 102 4.84 -3.05 -15.57
N SER A 103 5.79 -3.87 -15.13
CA SER A 103 6.37 -4.82 -16.02
C SER A 103 6.92 -6.04 -15.30
N GLY A 104 7.24 -7.03 -16.10
CA GLY A 104 7.91 -8.22 -15.59
C GLY A 104 6.91 -9.37 -15.49
N GLU A 105 7.46 -10.54 -15.21
CA GLU A 105 6.69 -11.76 -15.12
C GLU A 105 7.23 -12.62 -14.00
N ASN A 106 6.45 -12.78 -12.92
CA ASN A 106 6.91 -13.50 -11.71
C ASN A 106 5.66 -14.16 -11.10
N ARG A 107 5.83 -15.32 -10.51
CA ARG A 107 4.71 -16.13 -10.07
C ARG A 107 4.00 -15.67 -8.78
N GLY A 108 4.70 -14.96 -7.93
CA GLY A 108 4.13 -14.40 -6.73
C GLY A 108 4.40 -15.23 -5.48
N TRP A 109 3.41 -15.27 -4.64
CA TRP A 109 3.59 -15.83 -3.26
C TRP A 109 2.32 -16.44 -2.75
N ARG A 110 2.54 -17.33 -1.81
CA ARG A 110 1.50 -18.03 -1.04
CA ARG A 110 1.52 -18.01 -1.05
C ARG A 110 1.92 -18.05 0.43
N LEU A 111 1.00 -17.67 1.30
CA LEU A 111 1.23 -17.82 2.72
C LEU A 111 0.07 -18.41 3.43
N SER A 112 0.37 -19.13 4.47
CA SER A 112 -0.68 -19.56 5.39
CA SER A 112 -0.70 -19.56 5.35
C SER A 112 -0.50 -18.95 6.75
N TYR A 113 -1.58 -18.77 7.44
CA TYR A 113 -1.49 -18.22 8.81
C TYR A 113 -2.38 -19.06 9.73
N ARG A 114 -2.01 -18.97 11.01
CA ARG A 114 -2.72 -19.64 12.09
C ARG A 114 -2.64 -18.83 13.35
N ALA A 115 -3.64 -18.96 14.19
CA ALA A 115 -3.59 -18.34 15.51
C ALA A 115 -4.40 -19.23 16.40
N VAL B 2 -6.96 -0.23 12.59
CA VAL B 2 -5.48 0.11 12.44
C VAL B 2 -5.22 1.59 12.13
N GLU B 3 -4.28 2.19 12.84
CA GLU B 3 -3.89 3.58 12.59
C GLU B 3 -3.65 3.93 11.06
N CYS B 4 -4.25 5.03 10.64
CA CYS B 4 -4.07 5.63 9.31
C CYS B 4 -4.73 4.90 8.20
N SER B 5 -5.34 3.77 8.51
CA SER B 5 -6.14 3.02 7.56
C SER B 5 -7.60 3.31 7.70
N GLY B 6 -8.30 3.32 6.61
CA GLY B 6 -9.73 3.33 6.63
C GLY B 6 -10.35 4.73 6.89
N ASN B 7 -9.62 5.78 6.56
CA ASN B 7 -10.20 7.12 6.59
C ASN B 7 -11.32 7.29 5.54
N LEU B 8 -12.44 7.89 5.97
CA LEU B 8 -13.61 8.02 5.17
C LEU B 8 -14.08 9.47 5.19
N PHE B 9 -14.20 10.04 4.01
CA PHE B 9 -14.59 11.44 3.88
C PHE B 9 -15.90 11.43 3.05
N THR B 10 -16.94 12.07 3.59
CA THR B 10 -18.25 12.15 2.91
C THR B 10 -18.67 13.58 2.63
N GLN B 11 -17.90 14.55 3.12
CA GLN B 11 -18.14 15.98 2.85
C GLN B 11 -17.64 16.31 1.47
N ARG B 12 -18.32 17.19 0.75
CA ARG B 12 -17.97 17.57 -0.63
C ARG B 12 -16.69 18.39 -0.80
N THR B 13 -16.20 18.98 0.30
CA THR B 13 -15.00 19.76 0.33
C THR B 13 -14.17 19.26 1.47
N GLY B 14 -12.82 19.25 1.31
CA GLY B 14 -11.97 18.94 2.42
C GLY B 14 -10.50 18.99 2.05
N THR B 15 -9.66 18.71 3.05
CA THR B 15 -8.26 18.68 2.88
C THR B 15 -7.73 17.46 3.58
N ILE B 16 -6.85 16.76 2.94
CA ILE B 16 -6.22 15.55 3.44
C ILE B 16 -4.73 15.75 3.42
N THR B 17 -4.05 15.29 4.46
CA THR B 17 -2.62 15.36 4.48
C THR B 17 -1.99 14.04 4.95
N SER B 18 -0.69 13.91 4.63
CA SER B 18 0.10 12.85 5.20
C SER B 18 0.19 13.05 6.72
N PRO B 19 0.34 11.96 7.47
CA PRO B 19 0.46 12.12 8.93
C PRO B 19 1.61 13.09 9.29
N ASP B 20 1.29 14.01 10.21
CA ASP B 20 2.24 14.97 10.77
C ASP B 20 2.70 16.07 9.79
N TYR B 21 2.16 16.13 8.59
CA TYR B 21 2.47 17.21 7.65
C TYR B 21 2.36 18.58 8.31
N PRO B 22 3.31 19.48 8.04
CA PRO B 22 4.45 19.41 7.13
C PRO B 22 5.73 18.96 7.75
N ASN B 23 5.65 18.33 8.91
CA ASN B 23 6.82 17.65 9.47
C ASN B 23 6.90 16.21 8.90
N PRO B 24 8.04 15.56 9.02
CA PRO B 24 8.20 14.29 8.32
C PRO B 24 7.16 13.24 8.64
N TYR B 25 6.72 12.54 7.60
CA TYR B 25 5.75 11.50 7.83
C TYR B 25 6.45 10.30 8.48
N PRO B 26 5.68 9.44 9.15
CA PRO B 26 6.30 8.33 9.89
C PRO B 26 6.99 7.31 9.04
N LYS B 27 7.96 6.64 9.66
CA LYS B 27 8.51 5.42 9.08
C LYS B 27 7.39 4.41 8.87
N SER B 28 7.46 3.74 7.75
CA SER B 28 6.60 2.60 7.40
C SER B 28 5.14 3.04 7.43
N SER B 29 4.90 4.25 6.91
CA SER B 29 3.53 4.72 6.81
C SER B 29 2.73 3.76 5.90
N GLU B 30 1.47 3.55 6.26
CA GLU B 30 0.55 2.72 5.48
C GLU B 30 -0.83 3.31 5.69
N CYS B 31 -1.16 4.25 4.84
CA CYS B 31 -2.33 5.08 5.00
C CYS B 31 -3.32 4.88 3.85
N SER B 32 -4.58 4.88 4.18
CA SER B 32 -5.60 4.78 3.13
C SER B 32 -6.74 5.71 3.45
N TYR B 33 -7.31 6.26 2.38
CA TYR B 33 -8.37 7.25 2.48
C TYR B 33 -9.38 7.01 1.38
N THR B 34 -10.65 7.26 1.65
CA THR B 34 -11.69 7.12 0.66
C THR B 34 -12.58 8.33 0.75
N ILE B 35 -12.85 8.94 -0.39
CA ILE B 35 -13.83 10.01 -0.50
C ILE B 35 -15.02 9.35 -1.16
N ASP B 36 -16.16 9.37 -0.47
CA ASP B 36 -17.33 8.65 -0.90
C ASP B 36 -18.49 9.61 -0.92
N LEU B 37 -18.82 10.07 -2.10
CA LEU B 37 -19.93 11.03 -2.25
C LEU B 37 -21.08 10.44 -2.99
N GLU B 38 -22.14 11.21 -3.13
CA GLU B 38 -23.31 10.71 -3.90
C GLU B 38 -23.02 10.64 -5.42
N GLU B 39 -23.58 9.63 -6.07
CA GLU B 39 -23.43 9.42 -7.51
C GLU B 39 -23.83 10.71 -8.27
N GLY B 40 -23.03 11.12 -9.24
CA GLY B 40 -23.29 12.41 -9.90
C GLY B 40 -22.23 13.45 -9.61
N PHE B 41 -21.73 13.46 -8.36
CA PHE B 41 -20.68 14.38 -7.99
C PHE B 41 -19.39 13.86 -8.61
N MET B 42 -18.56 14.81 -9.00
CA MET B 42 -17.29 14.54 -9.64
C MET B 42 -16.19 15.27 -8.86
N VAL B 43 -15.32 14.50 -8.17
CA VAL B 43 -14.24 15.11 -7.41
C VAL B 43 -13.07 15.67 -8.25
N THR B 44 -12.61 16.87 -7.86
CA THR B 44 -11.36 17.43 -8.34
CA THR B 44 -11.36 17.43 -8.34
C THR B 44 -10.39 17.52 -7.15
N LEU B 45 -9.17 17.07 -7.35
CA LEU B 45 -8.17 16.96 -6.32
C LEU B 45 -6.99 17.85 -6.73
N GLN B 46 -6.43 18.59 -5.76
CA GLN B 46 -5.26 19.41 -6.03
C GLN B 46 -4.29 19.26 -4.89
N PHE B 47 -3.04 18.97 -5.22
CA PHE B 47 -1.97 19.05 -4.23
C PHE B 47 -1.63 20.49 -4.00
N GLU B 48 -1.45 20.83 -2.74
CA GLU B 48 -1.18 22.16 -2.28
C GLU B 48 0.09 22.26 -1.48
N ASP B 49 0.71 23.43 -1.55
CA ASP B 49 1.83 23.77 -0.73
CA ASP B 49 1.90 23.80 -0.74
C ASP B 49 3.02 22.80 -1.01
N ILE B 50 3.86 22.57 -0.04
CA ILE B 50 5.00 21.66 -0.22
C ILE B 50 4.52 20.26 -0.50
N PHE B 51 5.11 19.65 -1.52
CA PHE B 51 4.94 18.24 -1.80
C PHE B 51 6.37 17.65 -1.76
N ASP B 52 6.60 16.71 -0.87
CA ASP B 52 7.92 16.11 -0.67
C ASP B 52 7.84 14.67 -0.20
N ILE B 53 7.88 13.75 -1.16
CA ILE B 53 7.86 12.32 -0.87
C ILE B 53 9.18 11.79 -1.32
N GLU B 54 9.82 10.94 -0.48
CA GLU B 54 11.13 10.42 -0.86
C GLU B 54 11.09 9.74 -2.22
N ASP B 55 12.10 10.01 -3.05
CA ASP B 55 12.25 9.33 -4.33
C ASP B 55 13.57 8.54 -4.38
N HIS B 56 13.89 8.05 -5.57
CA HIS B 56 15.10 7.24 -5.75
C HIS B 56 15.74 7.54 -7.09
N PRO B 57 17.06 7.57 -7.10
CA PRO B 57 17.69 8.07 -8.32
C PRO B 57 17.68 7.09 -9.48
N GLU B 58 17.40 5.82 -9.22
CA GLU B 58 17.54 4.81 -10.28
CA GLU B 58 17.52 4.74 -10.22
C GLU B 58 16.23 4.16 -10.72
N VAL B 59 15.22 4.20 -9.87
CA VAL B 59 13.94 3.59 -10.15
CA VAL B 59 13.94 3.57 -10.14
C VAL B 59 12.80 4.53 -9.73
N PRO B 60 11.66 4.45 -10.40
CA PRO B 60 10.58 5.32 -10.05
C PRO B 60 9.79 4.93 -8.81
N CYS B 61 9.69 5.85 -7.87
CA CYS B 61 8.82 5.69 -6.71
C CYS B 61 8.74 4.31 -6.09
N PRO B 62 9.89 3.75 -5.68
CA PRO B 62 9.83 2.34 -5.22
C PRO B 62 9.19 2.17 -3.84
N TYR B 63 9.43 3.13 -2.94
CA TYR B 63 9.24 2.88 -1.51
C TYR B 63 8.25 3.81 -0.81
N ASP B 64 8.33 5.07 -1.22
CA ASP B 64 7.51 6.09 -0.64
C ASP B 64 6.72 6.70 -1.78
N TYR B 65 5.39 6.73 -1.70
CA TYR B 65 4.57 7.21 -2.86
C TYR B 65 3.13 7.33 -2.47
N ILE B 66 2.40 8.11 -3.28
CA ILE B 66 0.96 8.20 -3.18
C ILE B 66 0.39 7.75 -4.53
N LYS B 67 -0.73 7.08 -4.46
CA LYS B 67 -1.56 6.71 -5.64
C LYS B 67 -3.01 7.14 -5.35
N ILE B 68 -3.73 7.45 -6.41
CA ILE B 68 -5.13 7.85 -6.38
C ILE B 68 -5.88 7.00 -7.42
N LYS B 69 -6.98 6.42 -6.99
CA LYS B 69 -7.80 5.59 -7.87
C LYS B 69 -9.28 6.07 -7.92
N ALA B 70 -9.86 6.08 -9.11
CA ALA B 70 -11.28 6.42 -9.32
C ALA B 70 -11.75 5.56 -10.45
N GLY B 71 -12.72 4.70 -10.20
CA GLY B 71 -13.14 3.71 -11.19
C GLY B 71 -11.97 2.84 -11.54
N SER B 72 -11.70 2.71 -12.83
CA SER B 72 -10.64 1.81 -13.25
C SER B 72 -9.32 2.57 -13.44
N LYS B 73 -9.32 3.89 -13.15
CA LYS B 73 -8.19 4.71 -13.45
C LYS B 73 -7.33 4.90 -12.21
N VAL B 74 -6.01 4.78 -12.37
CA VAL B 74 -5.06 5.02 -11.30
C VAL B 74 -4.16 6.14 -11.73
N TRP B 75 -4.02 7.10 -10.85
CA TRP B 75 -3.02 8.18 -11.03
C TRP B 75 -1.88 7.91 -10.04
N GLY B 76 -0.68 8.00 -10.52
CA GLY B 76 0.53 7.72 -9.73
C GLY B 76 1.21 6.47 -10.17
N PRO B 77 2.20 6.00 -9.41
CA PRO B 77 2.63 6.54 -8.15
C PRO B 77 3.35 7.88 -8.36
N PHE B 78 3.12 8.77 -7.38
CA PHE B 78 3.79 10.06 -7.35
C PHE B 78 4.75 10.12 -6.16
N CYS B 79 5.92 10.66 -6.41
CA CYS B 79 6.92 10.91 -5.40
C CYS B 79 7.83 12.06 -5.82
N GLY B 80 8.81 12.35 -5.00
CA GLY B 80 9.74 13.46 -5.23
C GLY B 80 9.16 14.79 -4.76
N GLU B 81 9.74 15.86 -5.29
CA GLU B 81 9.41 17.22 -4.86
C GLU B 81 8.44 17.94 -5.77
N LYS B 82 8.19 17.45 -6.97
CA LYS B 82 7.26 18.13 -7.87
C LYS B 82 5.82 17.87 -7.46
N SER B 83 5.02 18.91 -7.35
CA SER B 83 3.55 18.77 -7.06
C SER B 83 2.86 18.16 -8.27
N PRO B 84 2.20 17.02 -8.11
CA PRO B 84 1.44 16.45 -9.25
C PRO B 84 0.41 17.48 -9.76
N GLU B 85 0.09 17.34 -11.02
CA GLU B 85 -0.97 18.22 -11.58
C GLU B 85 -2.35 17.88 -11.03
N PRO B 86 -3.28 18.86 -11.03
CA PRO B 86 -4.60 18.55 -10.49
C PRO B 86 -5.30 17.46 -11.28
N ILE B 87 -6.13 16.73 -10.56
CA ILE B 87 -6.82 15.61 -11.11
C ILE B 87 -8.29 15.86 -11.10
N SER B 88 -8.90 15.80 -12.27
CA SER B 88 -10.37 15.86 -12.40
C SER B 88 -10.82 14.45 -12.57
N THR B 89 -11.34 13.84 -11.51
CA THR B 89 -11.42 12.34 -11.40
C THR B 89 -12.63 11.89 -12.11
N GLN B 90 -13.58 12.81 -12.39
CA GLN B 90 -14.86 12.38 -13.02
CA GLN B 90 -14.89 12.42 -12.97
C GLN B 90 -15.66 11.34 -12.19
N SER B 91 -15.42 11.24 -10.89
CA SER B 91 -16.01 10.17 -10.08
C SER B 91 -16.44 10.68 -8.70
N HIS B 92 -17.40 9.97 -8.12
CA HIS B 92 -17.86 10.20 -6.80
C HIS B 92 -17.16 9.38 -5.72
N SER B 93 -16.31 8.42 -6.06
CA SER B 93 -15.72 7.49 -5.12
C SER B 93 -14.23 7.39 -5.43
N ILE B 94 -13.40 7.94 -4.56
CA ILE B 94 -11.99 8.03 -4.77
C ILE B 94 -11.24 7.32 -3.66
N GLN B 95 -10.21 6.54 -4.03
CA GLN B 95 -9.37 5.85 -3.06
CA GLN B 95 -9.39 5.85 -3.08
C GLN B 95 -7.97 6.40 -3.18
N ILE B 96 -7.36 6.67 -2.04
CA ILE B 96 -6.00 7.21 -1.94
C ILE B 96 -5.17 6.24 -1.06
N LEU B 97 -3.99 5.92 -1.54
CA LEU B 97 -2.99 5.09 -0.85
C LEU B 97 -1.73 5.92 -0.66
N PHE B 98 -1.18 5.93 0.56
CA PHE B 98 0.14 6.51 0.80
C PHE B 98 0.95 5.50 1.63
N ARG B 99 2.15 5.19 1.17
CA ARG B 99 3.04 4.24 1.77
C ARG B 99 4.41 4.84 1.89
N SER B 100 5.17 4.43 2.92
CA SER B 100 6.57 4.74 3.00
C SER B 100 7.37 3.60 3.60
N ASP B 101 8.68 3.69 3.44
CA ASP B 101 9.63 2.75 3.98
C ASP B 101 10.16 3.16 5.34
N ASN B 102 11.19 2.46 5.82
CA ASN B 102 11.60 2.64 7.22
C ASN B 102 12.72 3.67 7.49
N SER B 103 12.96 4.57 6.55
CA SER B 103 14.03 5.53 6.65
C SER B 103 13.69 6.87 5.99
N GLY B 104 14.44 7.92 6.33
CA GLY B 104 14.40 9.17 5.60
C GLY B 104 13.52 10.16 6.31
N GLU B 105 13.62 11.42 5.89
CA GLU B 105 12.82 12.57 6.45
C GLU B 105 12.36 13.36 5.24
N ASN B 106 11.07 13.31 5.00
CA ASN B 106 10.43 14.04 3.93
C ASN B 106 9.12 14.55 4.45
N ARG B 107 8.73 15.77 3.99
CA ARG B 107 7.59 16.47 4.56
C ARG B 107 6.20 15.93 4.25
N GLY B 108 6.07 15.23 3.13
CA GLY B 108 4.82 14.62 2.74
C GLY B 108 3.99 15.49 1.81
N TRP B 109 2.69 15.48 2.03
CA TRP B 109 1.76 16.01 1.02
C TRP B 109 0.49 16.56 1.71
N ARG B 110 -0.16 17.45 0.99
CA ARG B 110 -1.44 18.03 1.34
CA ARG B 110 -1.44 18.02 1.35
C ARG B 110 -2.27 18.09 0.08
N LEU B 111 -3.51 17.63 0.15
CA LEU B 111 -4.38 17.59 -1.02
C LEU B 111 -5.67 18.30 -0.60
N SER B 112 -6.21 19.14 -1.43
CA SER B 112 -7.57 19.66 -1.17
C SER B 112 -8.46 19.02 -2.28
N TYR B 113 -9.69 18.83 -1.94
CA TYR B 113 -10.64 18.28 -2.90
C TYR B 113 -11.93 19.08 -2.84
N ARG B 114 -12.64 19.08 -3.98
CA ARG B 114 -13.97 19.67 -4.09
C ARG B 114 -14.79 18.89 -5.07
N ALA B 115 -16.07 18.86 -4.85
CA ALA B 115 -17.02 18.25 -5.80
C ALA B 115 -18.25 19.11 -5.75
#